data_5TNV
#
_entry.id   5TNV
#
_cell.length_a   82.869
_cell.length_b   82.869
_cell.length_c   125.218
_cell.angle_alpha   90.00
_cell.angle_beta   90.00
_cell.angle_gamma   120.00
#
_symmetry.space_group_name_H-M   'H 3'
#
loop_
_entity.id
_entity.type
_entity.pdbx_description
1 polymer 'AP endonuclease, family protein 2'
2 non-polymer 'MAGNESIUM ION'
3 water water
#
_entity_poly.entity_id   1
_entity_poly.type   'polypeptide(L)'
_entity_poly.pdbx_seq_one_letter_code
;MGSSHHHHHHSSGLVPRGSHMYSAHTWPIAANMLGFGNRAPDGGHIKDAPAGVWAKQLRQVRELGFDHIDPTDAWVPLAA
LSDSRIEEFRTVLADEGLAISSISMTRSSIVDVENGEKNLADAHRLIDLAPSFGATIVNTGFMQALTPEQEKQIWFWLVQ
GHVDDPALRDLAIERVRELGDHARTNGIQLSLEMYEDTYIGTPDDAVAFIKDVDHDAVGLNPDLGNLVRLHRPMPHPSEM
YAKVLPYSNFWHIKNYSRDFDPATGAYSSAPLPLKYGYVNYRQIIRLALELGYTGPFCCEHYGSDSLGVCAENREYILQV
LTSALA
;
_entity_poly.pdbx_strand_id   A
#
loop_
_chem_comp.id
_chem_comp.type
_chem_comp.name
_chem_comp.formula
MG non-polymer 'MAGNESIUM ION' 'Mg 2'
#
# COMPACT_ATOMS: atom_id res chain seq x y z
N MET A 21 -5.91 -13.68 -16.11
CA MET A 21 -5.30 -13.15 -14.92
C MET A 21 -4.10 -14.02 -14.55
N TYR A 22 -3.57 -13.71 -13.41
CA TYR A 22 -2.58 -14.57 -12.82
C TYR A 22 -3.19 -15.89 -12.42
N SER A 23 -2.35 -16.90 -12.27
CA SER A 23 -2.79 -18.13 -11.57
C SER A 23 -2.55 -17.94 -10.09
N ALA A 24 -3.04 -18.81 -9.22
CA ALA A 24 -2.75 -18.61 -7.79
C ALA A 24 -1.23 -18.53 -7.50
N HIS A 25 -0.43 -19.40 -8.10
CA HIS A 25 1.01 -19.47 -7.74
C HIS A 25 1.87 -18.41 -8.38
N THR A 26 1.32 -17.65 -9.31
CA THR A 26 2.07 -16.55 -9.90
C THR A 26 1.46 -15.20 -9.53
N TRP A 27 0.33 -15.15 -8.83
CA TRP A 27 -0.28 -13.88 -8.51
C TRP A 27 0.65 -13.12 -7.59
N PRO A 28 1.13 -11.92 -7.92
CA PRO A 28 2.08 -11.26 -7.03
C PRO A 28 1.47 -10.88 -5.67
N ILE A 29 2.19 -11.29 -4.62
CA ILE A 29 1.78 -11.00 -3.23
C ILE A 29 3.01 -10.40 -2.58
N ALA A 30 3.11 -9.09 -2.58
CA ALA A 30 4.36 -8.43 -2.20
C ALA A 30 4.49 -8.14 -0.73
N ALA A 31 5.70 -8.28 -0.20
CA ALA A 31 6.02 -7.76 1.13
C ALA A 31 6.25 -6.26 1.07
N ASN A 32 5.50 -5.48 1.78
CA ASN A 32 5.75 -4.03 1.89
C ASN A 32 6.98 -3.82 2.75
N MET A 33 7.97 -3.01 2.30
CA MET A 33 9.24 -2.83 2.99
C MET A 33 9.24 -1.67 4.00
N LEU A 34 8.11 -1.00 4.22
CA LEU A 34 8.14 0.21 5.07
C LEU A 34 8.59 -0.16 6.49
N GLY A 35 8.34 -1.36 6.99
CA GLY A 35 8.74 -1.69 8.32
C GLY A 35 10.22 -1.68 8.55
N PHE A 36 11.04 -1.75 7.51
CA PHE A 36 12.49 -1.60 7.68
C PHE A 36 12.89 -0.17 7.94
N GLY A 37 12.06 0.78 7.55
CA GLY A 37 12.41 2.19 7.67
C GLY A 37 13.60 2.54 6.79
N ASN A 38 14.11 3.74 7.01
CA ASN A 38 15.20 4.25 6.17
C ASN A 38 16.48 4.58 6.90
N ARG A 39 16.67 4.01 8.08
CA ARG A 39 17.93 4.11 8.80
C ARG A 39 18.74 2.85 8.59
N ALA A 40 20.02 3.04 8.39
CA ALA A 40 20.91 1.85 8.22
C ALA A 40 21.35 1.36 9.57
N PRO A 41 21.63 0.06 9.69
CA PRO A 41 22.11 -0.44 10.97
C PRO A 41 23.24 0.36 11.64
N ASP A 42 24.21 0.88 10.92
CA ASP A 42 25.28 1.79 11.33
C ASP A 42 24.91 3.20 11.74
N GLY A 43 23.74 3.75 11.42
CA GLY A 43 23.20 4.95 11.97
C GLY A 43 22.84 6.06 10.97
N GLY A 44 23.41 5.88 9.79
CA GLY A 44 23.15 6.72 8.63
C GLY A 44 21.86 6.39 7.91
N HIS A 45 21.69 6.96 6.70
CA HIS A 45 20.53 6.74 5.90
C HIS A 45 20.71 5.49 5.05
N ILE A 46 19.67 4.68 4.92
CA ILE A 46 19.74 3.46 4.08
C ILE A 46 20.11 3.81 2.64
N LYS A 47 19.77 5.02 2.18
CA LYS A 47 20.12 5.37 0.79
C LYS A 47 21.61 5.32 0.52
N ASP A 48 22.44 5.47 1.54
CA ASP A 48 23.88 5.53 1.42
C ASP A 48 24.54 4.22 1.75
N ALA A 49 23.78 3.19 2.13
CA ALA A 49 24.39 1.95 2.65
C ALA A 49 24.99 1.10 1.54
N PRO A 50 25.97 0.28 1.87
CA PRO A 50 26.47 -0.68 0.88
C PRO A 50 25.34 -1.64 0.49
N ALA A 51 25.44 -2.11 -0.76
CA ALA A 51 24.40 -2.97 -1.30
C ALA A 51 24.22 -4.22 -0.41
N GLY A 52 25.28 -4.69 0.22
CA GLY A 52 25.22 -5.85 1.09
C GLY A 52 24.31 -5.66 2.29
N VAL A 53 24.16 -4.43 2.77
CA VAL A 53 23.23 -4.11 3.83
C VAL A 53 21.80 -4.28 3.32
N TRP A 54 21.49 -3.75 2.17
CA TRP A 54 20.18 -3.95 1.53
C TRP A 54 19.93 -5.44 1.38
N ALA A 55 20.94 -6.17 0.96
CA ALA A 55 20.79 -7.61 0.71
C ALA A 55 20.35 -8.35 1.95
N LYS A 56 20.91 -8.03 3.10
CA LYS A 56 20.54 -8.73 4.33
C LYS A 56 19.10 -8.43 4.75
N GLN A 57 18.60 -7.23 4.47
CA GLN A 57 17.20 -6.91 4.75
C GLN A 57 16.30 -7.71 3.79
N LEU A 58 16.61 -7.68 2.51
CA LEU A 58 15.87 -8.43 1.50
C LEU A 58 15.87 -9.94 1.85
N ARG A 59 17.00 -10.43 2.34
CA ARG A 59 17.12 -11.86 2.67
C ARG A 59 16.10 -12.27 3.71
N GLN A 60 15.86 -11.41 4.70
CA GLN A 60 14.88 -11.74 5.73
C GLN A 60 13.49 -11.96 5.13
N VAL A 61 13.17 -11.20 4.10
CA VAL A 61 11.89 -11.29 3.40
C VAL A 61 11.82 -12.59 2.61
N ARG A 62 12.88 -12.90 1.82
CA ARG A 62 12.89 -14.16 1.08
C ARG A 62 12.85 -15.36 2.00
N GLU A 63 13.56 -15.32 3.13
CA GLU A 63 13.53 -16.41 4.11
C GLU A 63 12.12 -16.78 4.56
N LEU A 64 11.24 -15.81 4.57
CA LEU A 64 9.85 -16.00 5.01
C LEU A 64 8.92 -16.36 3.86
N GLY A 65 9.43 -16.57 2.65
CA GLY A 65 8.71 -17.18 1.59
C GLY A 65 8.27 -16.27 0.46
N PHE A 66 8.50 -14.96 0.58
CA PHE A 66 8.06 -14.05 -0.48
C PHE A 66 8.86 -14.24 -1.76
N ASP A 67 8.18 -14.03 -2.89
CA ASP A 67 8.76 -13.83 -4.21
C ASP A 67 8.84 -12.36 -4.61
N HIS A 68 7.95 -11.54 -4.08
CA HIS A 68 7.82 -10.15 -4.47
C HIS A 68 7.89 -9.23 -3.26
N ILE A 69 8.36 -8.00 -3.50
CA ILE A 69 8.35 -6.90 -2.55
C ILE A 69 7.74 -5.68 -3.20
N ASP A 70 7.36 -4.76 -2.34
CA ASP A 70 7.02 -3.37 -2.67
C ASP A 70 7.98 -2.55 -1.83
N PRO A 71 8.96 -1.86 -2.47
CA PRO A 71 9.98 -1.16 -1.67
C PRO A 71 9.42 0.06 -0.93
N THR A 72 8.25 0.51 -1.30
CA THR A 72 7.71 1.81 -0.84
C THR A 72 8.64 2.91 -1.25
N ASP A 73 8.50 4.09 -0.64
CA ASP A 73 9.46 5.19 -0.67
C ASP A 73 9.99 5.47 0.72
N ALA A 74 9.73 4.60 1.70
CA ALA A 74 10.15 4.79 3.10
C ALA A 74 11.35 3.94 3.50
N TRP A 75 11.90 3.22 2.55
CA TRP A 75 13.06 2.33 2.71
C TRP A 75 14.13 2.89 1.75
N VAL A 76 14.74 2.10 0.89
CA VAL A 76 15.69 2.63 -0.11
C VAL A 76 14.92 3.52 -1.09
N PRO A 77 15.29 4.78 -1.23
CA PRO A 77 14.51 5.70 -2.06
C PRO A 77 14.92 5.59 -3.50
N LEU A 78 14.26 4.74 -4.25
CA LEU A 78 14.66 4.48 -5.64
C LEU A 78 14.62 5.74 -6.50
N ALA A 79 13.67 6.64 -6.26
CA ALA A 79 13.60 7.84 -7.07
C ALA A 79 14.83 8.74 -6.88
N ALA A 80 15.52 8.61 -5.76
CA ALA A 80 16.65 9.46 -5.39
C ALA A 80 18.00 8.86 -5.75
N LEU A 81 18.07 7.56 -6.01
CA LEU A 81 19.37 6.94 -6.32
C LEU A 81 19.87 7.33 -7.67
N SER A 82 21.21 7.37 -7.79
CA SER A 82 21.80 7.47 -9.08
C SER A 82 21.50 6.22 -9.88
N ASP A 83 21.66 6.35 -11.21
CA ASP A 83 21.39 5.19 -12.07
C ASP A 83 22.33 4.02 -11.73
N SER A 84 23.59 4.33 -11.39
CA SER A 84 24.51 3.26 -11.05
CA SER A 84 24.62 3.40 -10.93
C SER A 84 24.13 2.62 -9.73
N ARG A 85 23.63 3.35 -8.74
CA ARG A 85 23.15 2.75 -7.50
C ARG A 85 21.87 1.96 -7.72
N ILE A 86 21.00 2.38 -8.66
CA ILE A 86 19.85 1.56 -9.08
C ILE A 86 20.33 0.21 -9.54
N GLU A 87 21.39 0.15 -10.37
CA GLU A 87 21.86 -1.14 -10.83
C GLU A 87 22.49 -1.96 -9.71
N GLU A 88 23.15 -1.35 -8.73
CA GLU A 88 23.62 -2.05 -7.56
C GLU A 88 22.44 -2.73 -6.84
N PHE A 89 21.37 -1.95 -6.67
CA PHE A 89 20.15 -2.44 -6.04
C PHE A 89 19.53 -3.58 -6.83
N ARG A 90 19.42 -3.41 -8.15
CA ARG A 90 18.82 -4.42 -9.00
C ARG A 90 19.54 -5.76 -8.85
N THR A 91 20.89 -5.72 -8.75
CA THR A 91 21.69 -6.91 -8.62
C THR A 91 21.37 -7.63 -7.28
N VAL A 92 21.34 -6.88 -6.17
CA VAL A 92 21.06 -7.59 -4.90
C VAL A 92 19.64 -8.05 -4.81
N LEU A 93 18.68 -7.33 -5.39
CA LEU A 93 17.31 -7.80 -5.44
C LEU A 93 17.22 -9.17 -6.11
N ALA A 94 17.84 -9.32 -7.27
CA ALA A 94 17.88 -10.60 -7.97
C ALA A 94 18.64 -11.66 -7.20
N ASP A 95 19.81 -11.28 -6.64
CA ASP A 95 20.62 -12.24 -5.92
C ASP A 95 19.88 -12.84 -4.73
N GLU A 96 19.02 -12.02 -4.09
CA GLU A 96 18.26 -12.47 -2.94
C GLU A 96 16.94 -13.10 -3.30
N GLY A 97 16.67 -13.31 -4.58
CA GLY A 97 15.53 -14.12 -5.04
C GLY A 97 14.21 -13.38 -5.06
N LEU A 98 14.21 -12.09 -5.24
CA LEU A 98 13.01 -11.27 -5.16
C LEU A 98 12.85 -10.40 -6.41
N ALA A 99 11.63 -9.88 -6.54
CA ALA A 99 11.25 -8.97 -7.63
C ALA A 99 10.26 -7.94 -7.07
N ILE A 100 10.18 -6.80 -7.73
CA ILE A 100 9.26 -5.73 -7.34
C ILE A 100 8.01 -5.79 -8.22
N SER A 101 6.83 -5.95 -7.57
CA SER A 101 5.56 -5.97 -8.28
C SER A 101 4.80 -4.65 -8.23
N SER A 102 5.08 -3.81 -7.23
CA SER A 102 4.40 -2.54 -7.05
C SER A 102 5.34 -1.61 -6.27
N ILE A 103 5.14 -0.32 -6.41
CA ILE A 103 5.88 0.68 -5.64
C ILE A 103 4.86 1.63 -5.00
N SER A 104 4.82 1.62 -3.68
CA SER A 104 3.85 2.41 -2.90
C SER A 104 4.50 3.56 -2.20
N MET A 105 4.19 4.78 -2.64
CA MET A 105 4.60 5.97 -1.94
C MET A 105 3.81 6.09 -0.66
N THR A 106 4.42 6.59 0.39
N THR A 106 4.39 6.50 0.46
CA THR A 106 3.71 6.56 1.68
CA THR A 106 3.76 6.65 1.76
C THR A 106 3.17 7.95 1.93
C THR A 106 4.22 7.94 2.46
N ARG A 107 3.36 8.72 2.86
CA ARG A 107 3.28 10.01 3.43
C ARG A 107 4.07 11.03 2.58
N SER A 108 3.75 11.00 1.30
CA SER A 108 4.39 11.75 0.23
C SER A 108 3.33 12.28 -0.71
N SER A 109 2.38 13.04 -0.19
CA SER A 109 1.22 13.46 -0.97
C SER A 109 1.61 14.41 -2.11
N ILE A 110 1.00 14.22 -3.26
CA ILE A 110 1.23 15.10 -4.40
C ILE A 110 0.54 16.45 -4.22
N VAL A 111 -0.20 16.66 -3.12
CA VAL A 111 -0.68 17.99 -2.77
C VAL A 111 -0.17 18.43 -1.40
N ASP A 112 0.88 17.79 -0.89
CA ASP A 112 1.56 18.34 0.29
C ASP A 112 1.90 19.80 0.04
N VAL A 113 1.65 20.66 1.03
CA VAL A 113 1.85 22.10 0.77
C VAL A 113 3.32 22.43 0.51
N GLU A 114 4.24 21.86 1.26
CA GLU A 114 5.63 22.12 1.09
C GLU A 114 6.27 21.26 0.00
N ASN A 115 5.93 20.00 -0.06
CA ASN A 115 6.64 19.04 -0.90
C ASN A 115 5.83 18.46 -2.01
N GLY A 116 4.65 18.95 -2.32
CA GLY A 116 3.78 18.34 -3.32
C GLY A 116 4.39 18.26 -4.68
N GLU A 117 5.04 19.35 -5.14
CA GLU A 117 5.66 19.31 -6.46
C GLU A 117 6.82 18.31 -6.51
N LYS A 118 7.64 18.23 -5.44
CA LYS A 118 8.71 17.21 -5.36
C LYS A 118 8.12 15.81 -5.39
N ASN A 119 7.04 15.61 -4.61
CA ASN A 119 6.41 14.29 -4.58
C ASN A 119 5.83 13.89 -5.94
N LEU A 120 5.25 14.88 -6.64
CA LEU A 120 4.75 14.62 -8.00
C LEU A 120 5.89 14.19 -8.90
N ALA A 121 7.02 14.93 -8.83
CA ALA A 121 8.17 14.59 -9.66
C ALA A 121 8.72 13.18 -9.34
N ASP A 122 8.79 12.85 -8.04
CA ASP A 122 9.22 11.52 -7.62
C ASP A 122 8.26 10.45 -8.11
N ALA A 123 6.96 10.71 -8.08
CA ALA A 123 5.98 9.75 -8.60
C ALA A 123 6.24 9.47 -10.09
N HIS A 124 6.48 10.54 -10.86
CA HIS A 124 6.84 10.32 -12.27
C HIS A 124 8.09 9.48 -12.45
N ARG A 125 9.11 9.76 -11.60
CA ARG A 125 10.34 8.95 -11.67
C ARG A 125 10.04 7.47 -11.38
N LEU A 126 9.21 7.22 -10.39
CA LEU A 126 8.84 5.83 -10.04
C LEU A 126 8.05 5.17 -11.17
N ILE A 127 7.20 5.91 -11.89
CA ILE A 127 6.50 5.39 -13.05
C ILE A 127 7.48 5.00 -14.15
N ASP A 128 8.56 5.75 -14.35
CA ASP A 128 9.60 5.31 -15.27
C ASP A 128 10.42 4.14 -14.80
N LEU A 129 10.68 4.03 -13.49
CA LEU A 129 11.43 2.91 -12.95
C LEU A 129 10.66 1.62 -12.94
N ALA A 130 9.36 1.70 -12.67
CA ALA A 130 8.56 0.49 -12.44
C ALA A 130 8.67 -0.53 -13.52
N PRO A 131 8.50 -0.23 -14.82
CA PRO A 131 8.56 -1.28 -15.81
C PRO A 131 9.91 -2.01 -15.86
N SER A 132 10.98 -1.32 -15.50
CA SER A 132 12.28 -1.98 -15.55
C SER A 132 12.37 -3.14 -14.56
N PHE A 133 11.58 -3.12 -13.51
CA PHE A 133 11.52 -4.19 -12.51
C PHE A 133 10.43 -5.19 -12.79
N GLY A 134 9.57 -4.94 -13.78
CA GLY A 134 8.38 -5.72 -14.04
C GLY A 134 7.18 -5.35 -13.16
N ALA A 135 7.26 -4.23 -12.45
CA ALA A 135 6.18 -3.80 -11.60
C ALA A 135 5.03 -3.23 -12.44
N THR A 136 3.81 -3.43 -11.97
CA THR A 136 2.62 -3.02 -12.75
C THR A 136 1.81 -1.92 -12.10
N ILE A 137 2.21 -1.47 -10.89
CA ILE A 137 1.49 -0.45 -10.15
C ILE A 137 2.46 0.50 -9.50
N VAL A 138 2.16 1.79 -9.61
CA VAL A 138 2.69 2.79 -8.68
C VAL A 138 1.48 3.29 -7.88
N ASN A 139 1.60 3.31 -6.56
CA ASN A 139 0.53 3.67 -5.66
C ASN A 139 0.87 4.98 -4.95
N THR A 140 -0.13 5.87 -4.89
CA THR A 140 -0.04 7.12 -4.17
C THR A 140 -1.27 7.29 -3.29
N GLY A 141 -1.11 8.01 -2.20
CA GLY A 141 -2.24 8.38 -1.37
C GLY A 141 -2.08 9.78 -0.82
N PHE A 142 -3.04 10.17 -0.01
CA PHE A 142 -3.12 11.55 0.46
C PHE A 142 -2.79 11.69 1.93
N MET A 143 -2.43 10.58 2.59
CA MET A 143 -1.86 10.66 3.93
C MET A 143 -0.61 11.55 3.89
N GLN A 144 -0.35 12.20 5.00
CA GLN A 144 0.82 13.08 5.18
C GLN A 144 1.54 12.73 6.47
N ALA A 145 2.57 13.49 6.86
CA ALA A 145 3.35 13.17 8.04
C ALA A 145 2.42 13.02 9.26
N LEU A 146 2.80 12.08 10.12
CA LEU A 146 2.18 12.02 11.43
C LEU A 146 2.45 13.31 12.18
N THR A 147 1.45 13.80 12.92
CA THR A 147 1.64 14.96 13.75
C THR A 147 2.38 14.59 15.04
N PRO A 148 2.93 15.57 15.74
CA PRO A 148 3.57 15.24 17.03
C PRO A 148 2.63 14.53 18.00
N GLU A 149 1.36 14.97 18.01
CA GLU A 149 0.41 14.34 18.92
C GLU A 149 0.15 12.91 18.50
N GLN A 150 0.04 12.61 17.21
CA GLN A 150 -0.06 11.25 16.75
C GLN A 150 1.11 10.39 17.17
N GLU A 151 2.31 10.96 17.09
CA GLU A 151 3.51 10.20 17.44
C GLU A 151 3.56 9.83 18.94
N LYS A 152 2.87 10.53 19.79
CA LYS A 152 2.84 10.24 21.22
C LYS A 152 1.87 9.10 21.56
N GLN A 153 0.95 8.77 20.67
CA GLN A 153 -0.12 7.82 21.01
C GLN A 153 0.35 6.37 20.93
N ILE A 154 -0.39 5.49 21.54
CA ILE A 154 -0.13 4.05 21.43
C ILE A 154 -0.22 3.57 19.97
N TRP A 155 -1.14 4.17 19.21
CA TRP A 155 -1.20 4.00 17.77
C TRP A 155 -1.47 5.38 17.16
N PHE A 156 -0.89 5.65 15.99
CA PHE A 156 -1.09 7.00 15.42
C PHE A 156 -2.55 7.29 15.13
N TRP A 157 -3.33 6.27 14.80
CA TRP A 157 -4.71 6.47 14.39
C TRP A 157 -5.64 6.77 15.55
N LEU A 158 -5.13 6.80 16.78
CA LEU A 158 -5.97 7.11 17.93
C LEU A 158 -6.34 8.59 18.01
N VAL A 159 -5.63 9.46 17.30
CA VAL A 159 -5.99 10.88 17.25
C VAL A 159 -5.94 11.27 15.76
N GLN A 160 -6.75 12.22 15.41
CA GLN A 160 -6.77 12.76 14.05
C GLN A 160 -5.51 13.55 13.81
N GLY A 161 -4.91 13.39 12.66
CA GLY A 161 -3.75 14.13 12.21
C GLY A 161 -4.09 15.01 11.04
N HIS A 162 -3.34 14.89 9.93
CA HIS A 162 -3.63 15.63 8.72
C HIS A 162 -5.06 15.32 8.23
N VAL A 163 -5.74 16.36 7.80
CA VAL A 163 -7.04 16.29 7.14
C VAL A 163 -6.90 17.04 5.82
N ASP A 164 -7.29 16.42 4.71
CA ASP A 164 -7.11 17.11 3.42
C ASP A 164 -7.85 18.42 3.40
N ASP A 165 -7.22 19.37 2.64
CA ASP A 165 -7.78 20.68 2.40
C ASP A 165 -8.78 20.64 1.26
N PRO A 166 -10.03 20.98 1.46
CA PRO A 166 -10.99 20.96 0.34
C PRO A 166 -10.56 21.82 -0.86
N ALA A 167 -9.83 22.88 -0.59
CA ALA A 167 -9.47 23.78 -1.71
C ALA A 167 -8.47 23.14 -2.63
N LEU A 168 -7.90 21.99 -2.29
CA LEU A 168 -6.84 21.36 -3.10
C LEU A 168 -7.34 20.12 -3.81
N ARG A 169 -8.65 19.83 -3.71
CA ARG A 169 -9.15 18.62 -4.35
C ARG A 169 -9.01 18.64 -5.86
N ASP A 170 -9.31 19.81 -6.48
CA ASP A 170 -9.18 19.92 -7.92
C ASP A 170 -7.70 19.75 -8.36
N LEU A 171 -6.77 20.29 -7.59
CA LEU A 171 -5.35 20.12 -7.89
C LEU A 171 -4.94 18.65 -7.80
N ALA A 172 -5.45 17.98 -6.77
CA ALA A 172 -5.23 16.55 -6.59
C ALA A 172 -5.71 15.76 -7.79
N ILE A 173 -6.90 16.05 -8.28
CA ILE A 173 -7.45 15.34 -9.44
C ILE A 173 -6.56 15.58 -10.66
N GLU A 174 -6.16 16.84 -10.86
CA GLU A 174 -5.31 17.21 -12.01
C GLU A 174 -4.02 16.44 -11.95
N ARG A 175 -3.40 16.39 -10.77
CA ARG A 175 -2.10 15.70 -10.66
C ARG A 175 -2.22 14.19 -10.76
N VAL A 176 -3.31 13.61 -10.25
CA VAL A 176 -3.61 12.20 -10.47
C VAL A 176 -3.72 11.89 -11.94
N ARG A 177 -4.47 12.71 -12.68
CA ARG A 177 -4.60 12.47 -14.11
C ARG A 177 -3.28 12.54 -14.85
N GLU A 178 -2.47 13.50 -14.47
CA GLU A 178 -1.13 13.65 -15.06
C GLU A 178 -0.30 12.40 -14.85
N LEU A 179 -0.32 11.86 -13.61
CA LEU A 179 0.36 10.60 -13.35
C LEU A 179 -0.25 9.44 -14.11
N GLY A 180 -1.58 9.41 -14.17
CA GLY A 180 -2.22 8.35 -14.94
C GLY A 180 -1.83 8.35 -16.42
N ASP A 181 -1.73 9.53 -17.04
CA ASP A 181 -1.27 9.57 -18.44
C ASP A 181 0.08 8.91 -18.60
N HIS A 182 0.99 9.20 -17.68
CA HIS A 182 2.37 8.65 -17.73
C HIS A 182 2.35 7.15 -17.50
N ALA A 183 1.57 6.75 -16.49
CA ALA A 183 1.42 5.29 -16.24
C ALA A 183 0.94 4.57 -17.47
N ARG A 184 -0.16 5.09 -18.08
CA ARG A 184 -0.71 4.45 -19.27
C ARG A 184 0.33 4.27 -20.38
N THR A 185 1.08 5.33 -20.63
CA THR A 185 2.13 5.27 -21.67
C THR A 185 3.15 4.19 -21.36
N ASN A 186 3.45 3.96 -20.09
CA ASN A 186 4.40 2.96 -19.64
C ASN A 186 3.83 1.58 -19.45
N GLY A 187 2.57 1.38 -19.84
CA GLY A 187 1.96 0.07 -19.76
C GLY A 187 1.60 -0.36 -18.34
N ILE A 188 1.49 0.56 -17.39
CA ILE A 188 1.18 0.23 -16.02
C ILE A 188 0.00 1.07 -15.58
N GLN A 189 -0.35 1.00 -14.29
CA GLN A 189 -1.41 1.84 -13.75
C GLN A 189 -0.98 2.52 -12.46
N LEU A 190 -1.67 3.62 -12.16
CA LEU A 190 -1.61 4.31 -10.88
C LEU A 190 -2.74 3.80 -9.96
N SER A 191 -2.45 3.62 -8.69
CA SER A 191 -3.47 3.28 -7.72
C SER A 191 -3.50 4.36 -6.63
N LEU A 192 -4.71 4.60 -6.12
CA LEU A 192 -4.98 5.59 -5.09
C LEU A 192 -5.39 4.93 -3.79
N GLU A 193 -4.53 5.08 -2.77
CA GLU A 193 -4.69 4.38 -1.50
C GLU A 193 -5.71 5.05 -0.60
N MET A 194 -6.79 4.33 -0.31
CA MET A 194 -7.77 4.84 0.64
C MET A 194 -7.15 4.94 2.02
N TYR A 195 -7.42 6.06 2.69
CA TYR A 195 -6.79 6.41 3.98
C TYR A 195 -7.70 7.44 4.63
N GLU A 196 -7.86 7.35 5.92
CA GLU A 196 -8.75 8.22 6.69
C GLU A 196 -8.38 9.69 6.58
N ASP A 197 -9.44 10.49 6.59
CA ASP A 197 -9.31 11.95 6.69
C ASP A 197 -8.74 12.56 5.42
N THR A 198 -8.83 11.84 4.32
CA THR A 198 -8.39 12.29 3.00
C THR A 198 -9.53 12.36 2.02
N TYR A 199 -9.23 12.84 0.80
CA TYR A 199 -10.22 12.87 -0.27
C TYR A 199 -10.86 11.51 -0.52
N ILE A 200 -10.15 10.43 -0.19
CA ILE A 200 -10.61 9.07 -0.46
C ILE A 200 -10.67 8.26 0.86
N GLY A 201 -11.21 8.92 1.88
CA GLY A 201 -11.27 8.41 3.25
C GLY A 201 -12.54 7.76 3.68
N THR A 202 -13.52 7.61 2.76
CA THR A 202 -14.70 6.81 2.96
C THR A 202 -14.99 6.10 1.65
N PRO A 203 -15.71 4.99 1.68
CA PRO A 203 -16.07 4.34 0.41
C PRO A 203 -16.77 5.25 -0.59
N ASP A 204 -17.77 5.98 -0.16
CA ASP A 204 -18.47 6.86 -1.09
C ASP A 204 -17.54 7.94 -1.62
N ASP A 205 -16.69 8.51 -0.79
CA ASP A 205 -15.81 9.57 -1.26
C ASP A 205 -14.83 9.00 -2.27
N ALA A 206 -14.32 7.78 -2.02
CA ALA A 206 -13.36 7.15 -2.95
C ALA A 206 -14.01 6.89 -4.27
N VAL A 207 -15.24 6.37 -4.26
CA VAL A 207 -15.92 6.15 -5.53
C VAL A 207 -16.15 7.43 -6.31
N ALA A 208 -16.57 8.47 -5.62
CA ALA A 208 -16.83 9.75 -6.30
C ALA A 208 -15.51 10.31 -6.86
N PHE A 209 -14.43 10.10 -6.11
CA PHE A 209 -13.12 10.63 -6.54
C PHE A 209 -12.65 9.89 -7.79
N ILE A 210 -12.72 8.57 -7.80
CA ILE A 210 -12.23 7.82 -8.96
C ILE A 210 -13.11 8.11 -10.18
N LYS A 211 -14.41 8.33 -9.96
CA LYS A 211 -15.28 8.72 -11.07
C LYS A 211 -14.93 10.09 -11.60
N ASP A 212 -14.64 11.03 -10.72
CA ASP A 212 -14.24 12.37 -11.14
C ASP A 212 -12.90 12.35 -11.87
N VAL A 213 -11.95 11.55 -11.44
CA VAL A 213 -10.67 11.43 -12.12
C VAL A 213 -10.90 10.94 -13.56
N ASP A 214 -11.77 9.97 -13.79
CA ASP A 214 -12.20 9.53 -15.12
C ASP A 214 -11.00 9.15 -15.98
N HIS A 215 -10.19 8.26 -15.50
CA HIS A 215 -8.94 7.89 -16.20
C HIS A 215 -8.79 6.38 -16.18
N ASP A 216 -8.64 5.77 -17.36
CA ASP A 216 -8.57 4.32 -17.46
C ASP A 216 -7.25 3.70 -17.03
N ALA A 217 -6.29 4.48 -16.61
CA ALA A 217 -5.06 3.93 -16.00
C ALA A 217 -4.93 4.33 -14.54
N VAL A 218 -6.03 4.73 -13.91
CA VAL A 218 -6.05 5.01 -12.47
C VAL A 218 -7.12 4.15 -11.83
N GLY A 219 -6.86 3.62 -10.66
CA GLY A 219 -7.85 2.82 -9.91
C GLY A 219 -7.62 3.05 -8.42
N LEU A 220 -8.53 2.46 -7.65
CA LEU A 220 -8.44 2.50 -6.19
C LEU A 220 -7.57 1.37 -5.65
N ASN A 221 -7.02 1.63 -4.47
CA ASN A 221 -6.37 0.64 -3.61
C ASN A 221 -7.21 0.62 -2.33
N PRO A 222 -8.07 -0.35 -2.15
CA PRO A 222 -9.03 -0.38 -1.06
C PRO A 222 -8.39 -0.94 0.22
N ASP A 223 -7.50 -0.11 0.82
CA ASP A 223 -6.77 -0.51 2.04
C ASP A 223 -7.70 -0.28 3.22
N LEU A 224 -8.77 -1.08 3.28
CA LEU A 224 -9.84 -0.78 4.25
C LEU A 224 -9.44 -1.15 5.66
N GLY A 225 -8.37 -1.88 5.89
CA GLY A 225 -7.85 -1.99 7.23
C GLY A 225 -7.57 -0.60 7.84
N ASN A 226 -7.19 0.36 7.02
CA ASN A 226 -6.96 1.70 7.51
C ASN A 226 -8.21 2.27 8.23
N LEU A 227 -9.38 1.91 7.75
CA LEU A 227 -10.66 2.35 8.31
C LEU A 227 -11.16 1.47 9.40
N VAL A 228 -11.06 0.13 9.28
CA VAL A 228 -11.59 -0.81 10.26
C VAL A 228 -10.94 -0.60 11.62
N ARG A 229 -9.69 -0.15 11.67
CA ARG A 229 -8.98 0.05 12.95
C ARG A 229 -9.50 1.23 13.71
N LEU A 230 -10.25 2.16 13.10
CA LEU A 230 -10.51 3.45 13.70
C LEU A 230 -11.60 3.37 14.78
N HIS A 231 -11.44 4.22 15.81
CA HIS A 231 -12.38 4.29 16.91
C HIS A 231 -13.51 5.26 16.59
N ARG A 232 -14.25 4.94 15.53
CA ARG A 232 -15.31 5.77 15.02
C ARG A 232 -16.32 4.84 14.36
N PRO A 233 -17.55 5.27 14.16
CA PRO A 233 -18.52 4.45 13.38
C PRO A 233 -17.99 4.15 12.02
N MET A 234 -18.27 2.92 11.58
CA MET A 234 -17.73 2.46 10.28
C MET A 234 -18.71 1.42 9.75
N PRO A 235 -19.13 1.45 8.48
CA PRO A 235 -19.94 0.36 7.93
C PRO A 235 -19.16 -0.96 7.96
N HIS A 236 -19.91 -2.07 7.93
CA HIS A 236 -19.30 -3.37 7.93
C HIS A 236 -18.41 -3.51 6.72
N PRO A 237 -17.25 -4.18 6.84
CA PRO A 237 -16.35 -4.27 5.68
C PRO A 237 -16.94 -4.95 4.51
N SER A 238 -17.90 -5.85 4.65
CA SER A 238 -18.58 -6.46 3.51
CA SER A 238 -18.44 -6.45 3.41
C SER A 238 -19.19 -5.42 2.59
N GLU A 239 -19.84 -4.46 3.20
CA GLU A 239 -20.53 -3.40 2.50
C GLU A 239 -19.50 -2.46 1.86
N MET A 240 -18.46 -2.10 2.64
CA MET A 240 -17.49 -1.15 2.11
C MET A 240 -16.74 -1.73 0.94
N TYR A 241 -16.25 -2.98 1.06
CA TYR A 241 -15.52 -3.61 -0.01
C TYR A 241 -16.37 -3.80 -1.25
N ALA A 242 -17.66 -4.16 -1.10
CA ALA A 242 -18.50 -4.28 -2.27
C ALA A 242 -18.58 -2.98 -3.07
N LYS A 243 -18.54 -1.86 -2.41
CA LYS A 243 -18.63 -0.59 -3.10
C LYS A 243 -17.36 -0.31 -3.90
N VAL A 244 -16.20 -0.54 -3.30
CA VAL A 244 -14.96 -0.07 -3.90
C VAL A 244 -14.24 -1.09 -4.75
N LEU A 245 -14.43 -2.39 -4.53
CA LEU A 245 -13.73 -3.40 -5.34
C LEU A 245 -13.95 -3.25 -6.84
N PRO A 246 -15.13 -2.88 -7.35
CA PRO A 246 -15.29 -2.71 -8.81
C PRO A 246 -14.33 -1.71 -9.42
N TYR A 247 -13.76 -0.79 -8.64
CA TYR A 247 -12.91 0.27 -9.11
C TYR A 247 -11.44 0.04 -8.76
N SER A 248 -11.10 -1.11 -8.18
CA SER A 248 -9.80 -1.38 -7.60
C SER A 248 -8.83 -2.07 -8.55
N ASN A 249 -7.61 -1.58 -8.54
CA ASN A 249 -6.54 -2.14 -9.43
C ASN A 249 -5.31 -2.62 -8.64
N PHE A 250 -5.34 -2.55 -7.33
CA PHE A 250 -4.20 -2.86 -6.45
C PHE A 250 -4.78 -3.00 -5.05
N TRP A 251 -4.07 -3.69 -4.15
CA TRP A 251 -4.70 -3.96 -2.84
C TRP A 251 -3.63 -4.13 -1.75
N HIS A 252 -3.50 -3.09 -0.92
CA HIS A 252 -2.87 -3.19 0.40
C HIS A 252 -3.88 -3.93 1.29
N ILE A 253 -3.48 -5.07 1.80
CA ILE A 253 -4.46 -5.99 2.42
C ILE A 253 -3.97 -6.33 3.84
N LYS A 254 -4.72 -5.87 4.82
CA LYS A 254 -4.38 -6.07 6.25
C LYS A 254 -5.67 -6.14 7.04
N ASN A 255 -5.54 -6.63 8.29
CA ASN A 255 -6.70 -6.83 9.14
C ASN A 255 -6.42 -6.37 10.59
N TYR A 256 -7.51 -6.18 11.31
CA TYR A 256 -7.54 -5.76 12.70
C TYR A 256 -8.70 -6.44 13.39
N SER A 257 -8.58 -6.87 14.66
CA SER A 257 -9.79 -7.05 15.43
C SER A 257 -10.50 -5.68 15.52
N ARG A 258 -11.81 -5.73 15.73
CA ARG A 258 -12.61 -4.51 15.92
C ARG A 258 -13.65 -4.82 16.98
N ASP A 259 -13.80 -3.97 17.96
CA ASP A 259 -14.78 -4.19 19.00
C ASP A 259 -15.33 -2.84 19.47
N PHE A 260 -16.46 -2.92 20.15
CA PHE A 260 -17.13 -1.72 20.68
C PHE A 260 -17.94 -2.17 21.90
N ASP A 261 -18.02 -1.29 22.89
CA ASP A 261 -18.74 -1.56 24.13
C ASP A 261 -19.87 -0.54 24.29
N PRO A 262 -21.10 -0.90 23.91
CA PRO A 262 -22.15 0.14 23.95
C PRO A 262 -22.33 0.84 25.27
N ALA A 263 -22.17 0.12 26.39
CA ALA A 263 -22.41 0.74 27.71
C ALA A 263 -21.47 1.91 28.00
N THR A 264 -20.23 1.85 27.53
CA THR A 264 -19.26 2.91 27.73
C THR A 264 -19.03 3.79 26.51
N GLY A 265 -19.31 3.27 25.32
CA GLY A 265 -18.90 3.92 24.09
C GLY A 265 -17.48 3.66 23.68
N ALA A 266 -16.75 2.79 24.33
CA ALA A 266 -15.34 2.51 23.97
C ALA A 266 -15.23 1.65 22.73
N TYR A 267 -14.33 2.02 21.84
CA TYR A 267 -13.90 1.21 20.70
C TYR A 267 -12.53 0.58 21.00
N SER A 268 -12.23 -0.49 20.33
CA SER A 268 -10.89 -1.05 20.36
C SER A 268 -10.59 -1.76 19.05
N SER A 269 -9.30 -1.82 18.75
CA SER A 269 -8.82 -2.60 17.59
C SER A 269 -7.38 -3.00 17.84
N ALA A 270 -6.97 -4.09 17.21
CA ALA A 270 -5.60 -4.60 17.30
C ALA A 270 -5.17 -5.17 15.97
N PRO A 271 -3.96 -4.85 15.48
CA PRO A 271 -3.51 -5.49 14.24
C PRO A 271 -3.39 -6.99 14.43
N LEU A 272 -3.91 -7.76 13.46
CA LEU A 272 -3.86 -9.19 13.51
C LEU A 272 -3.68 -9.75 12.09
N PRO A 273 -3.21 -11.00 11.97
CA PRO A 273 -3.25 -11.68 10.67
C PRO A 273 -4.60 -11.57 9.99
N LEU A 274 -4.57 -11.61 8.66
CA LEU A 274 -5.79 -11.64 7.88
C LEU A 274 -6.82 -12.65 8.42
N LYS A 275 -6.38 -13.85 8.75
CA LYS A 275 -7.28 -14.91 9.16
C LYS A 275 -8.07 -14.60 10.44
N TYR A 276 -7.53 -13.71 11.29
CA TYR A 276 -8.04 -13.56 12.67
C TYR A 276 -8.75 -12.27 12.93
N GLY A 277 -8.72 -11.28 12.04
CA GLY A 277 -9.33 -10.00 12.29
C GLY A 277 -10.79 -9.91 11.90
N TYR A 278 -11.33 -8.72 11.96
CA TYR A 278 -12.78 -8.49 11.78
C TYR A 278 -13.24 -8.73 10.34
N VAL A 279 -12.45 -8.34 9.36
CA VAL A 279 -12.80 -8.61 7.97
C VAL A 279 -12.71 -10.11 7.72
N ASN A 280 -13.64 -10.67 6.95
CA ASN A 280 -13.54 -12.03 6.44
C ASN A 280 -12.88 -11.98 5.06
N TYR A 281 -11.55 -12.11 5.03
CA TYR A 281 -10.86 -11.96 3.75
C TYR A 281 -11.03 -13.18 2.86
N ARG A 282 -11.49 -14.34 3.36
CA ARG A 282 -11.82 -15.44 2.45
C ARG A 282 -13.00 -15.01 1.58
N GLN A 283 -14.06 -14.51 2.24
CA GLN A 283 -15.21 -14.01 1.51
C GLN A 283 -14.84 -12.82 0.64
N ILE A 284 -14.05 -11.89 1.16
CA ILE A 284 -13.79 -10.64 0.43
C ILE A 284 -12.83 -10.88 -0.74
N ILE A 285 -11.80 -11.69 -0.61
CA ILE A 285 -10.96 -12.00 -1.77
C ILE A 285 -11.79 -12.70 -2.83
N ARG A 286 -12.66 -13.66 -2.43
CA ARG A 286 -13.48 -14.32 -3.44
CA ARG A 286 -13.50 -14.32 -3.42
C ARG A 286 -14.42 -13.33 -4.12
N LEU A 287 -14.99 -12.40 -3.38
CA LEU A 287 -15.82 -11.35 -3.93
C LEU A 287 -15.04 -10.54 -4.95
N ALA A 288 -13.82 -10.13 -4.57
CA ALA A 288 -12.98 -9.37 -5.48
C ALA A 288 -12.83 -10.09 -6.81
N LEU A 289 -12.49 -11.39 -6.73
CA LEU A 289 -12.32 -12.17 -7.93
C LEU A 289 -13.59 -12.16 -8.76
N GLU A 290 -14.73 -12.36 -8.11
CA GLU A 290 -16.05 -12.39 -8.79
C GLU A 290 -16.30 -11.08 -9.50
N LEU A 291 -15.86 -9.97 -8.89
CA LEU A 291 -16.02 -8.63 -9.43
C LEU A 291 -14.95 -8.27 -10.46
N GLY A 292 -14.06 -9.20 -10.84
CA GLY A 292 -13.09 -8.99 -11.89
C GLY A 292 -11.77 -8.40 -11.41
N TYR A 293 -11.47 -8.44 -10.12
CA TYR A 293 -10.22 -7.92 -9.62
C TYR A 293 -9.07 -8.73 -10.17
N THR A 294 -8.04 -8.05 -10.68
CA THR A 294 -6.85 -8.72 -11.20
C THR A 294 -5.53 -8.12 -10.79
N GLY A 295 -5.53 -7.09 -9.94
CA GLY A 295 -4.29 -6.43 -9.58
C GLY A 295 -3.46 -7.16 -8.58
N PRO A 296 -2.19 -6.79 -8.41
CA PRO A 296 -1.33 -7.44 -7.44
C PRO A 296 -1.80 -7.12 -6.01
N PHE A 297 -1.36 -7.97 -5.07
CA PHE A 297 -1.54 -7.74 -3.65
C PHE A 297 -0.30 -7.17 -3.01
N CYS A 298 -0.46 -6.47 -1.92
CA CYS A 298 0.66 -6.01 -1.13
C CYS A 298 0.30 -6.19 0.36
N CYS A 299 1.09 -7.03 1.01
CA CYS A 299 0.93 -7.28 2.44
C CYS A 299 1.67 -6.16 3.21
N GLU A 300 0.92 -5.37 3.94
CA GLU A 300 1.27 -4.31 4.85
CA GLU A 300 1.56 -4.49 4.91
C GLU A 300 0.84 -4.72 6.25
N HIS A 301 1.49 -4.27 7.31
CA HIS A 301 1.00 -4.54 8.67
C HIS A 301 1.72 -3.62 9.61
N TYR A 302 1.18 -2.50 9.91
CA TYR A 302 1.78 -1.54 10.86
C TYR A 302 1.73 -2.12 12.26
N GLY A 303 2.83 -2.05 12.97
CA GLY A 303 2.91 -2.50 14.35
C GLY A 303 3.12 -3.99 14.44
N SER A 304 3.27 -4.43 15.70
CA SER A 304 3.48 -5.82 16.01
C SER A 304 4.69 -6.34 15.23
N ASP A 305 4.74 -7.65 14.93
CA ASP A 305 5.82 -8.17 14.08
C ASP A 305 5.34 -8.00 12.64
N SER A 306 5.55 -6.85 12.09
CA SER A 306 5.03 -6.48 10.77
C SER A 306 5.44 -7.52 9.72
N LEU A 307 6.73 -7.84 9.65
CA LEU A 307 7.21 -8.76 8.62
C LEU A 307 6.70 -10.16 8.81
N GLY A 308 6.71 -10.64 10.07
CA GLY A 308 6.24 -11.98 10.34
C GLY A 308 4.77 -12.16 10.03
N VAL A 309 3.95 -11.19 10.38
CA VAL A 309 2.52 -11.26 10.07
C VAL A 309 2.30 -11.14 8.58
N CYS A 310 3.01 -10.25 7.89
CA CYS A 310 2.88 -10.19 6.44
C CYS A 310 3.18 -11.54 5.78
N ALA A 311 4.20 -12.25 6.26
CA ALA A 311 4.54 -13.53 5.70
C ALA A 311 3.43 -14.58 5.91
N GLU A 312 2.81 -14.61 7.08
CA GLU A 312 1.65 -15.48 7.28
C GLU A 312 0.53 -15.06 6.35
N ASN A 313 0.33 -13.75 6.18
CA ASN A 313 -0.73 -13.25 5.31
C ASN A 313 -0.53 -13.66 3.87
N ARG A 314 0.73 -13.71 3.40
CA ARG A 314 0.98 -14.14 2.04
C ARG A 314 0.53 -15.61 1.86
N GLU A 315 0.93 -16.47 2.80
CA GLU A 315 0.54 -17.88 2.71
C GLU A 315 -0.97 -18.02 2.72
N TYR A 316 -1.64 -17.21 3.55
CA TYR A 316 -3.10 -17.19 3.63
C TYR A 316 -3.73 -16.85 2.30
N ILE A 317 -3.29 -15.76 1.69
CA ILE A 317 -3.83 -15.32 0.41
C ILE A 317 -3.62 -16.42 -0.63
N LEU A 318 -2.43 -17.03 -0.66
CA LEU A 318 -2.16 -18.07 -1.64
CA LEU A 318 -2.13 -18.09 -1.59
C LEU A 318 -3.15 -19.22 -1.47
N GLN A 319 -3.49 -19.63 -0.27
CA GLN A 319 -4.47 -20.72 -0.10
C GLN A 319 -5.82 -20.27 -0.60
N VAL A 320 -6.28 -19.09 -0.25
CA VAL A 320 -7.59 -18.61 -0.64
C VAL A 320 -7.67 -18.59 -2.19
N LEU A 321 -6.65 -18.03 -2.82
CA LEU A 321 -6.60 -17.95 -4.28
C LEU A 321 -6.57 -19.32 -4.90
N THR A 322 -5.79 -20.23 -4.32
CA THR A 322 -5.65 -21.58 -4.90
C THR A 322 -7.04 -22.23 -4.95
N SER A 323 -7.76 -22.18 -3.84
CA SER A 323 -9.10 -22.74 -3.80
C SER A 323 -10.06 -22.05 -4.79
N ALA A 324 -10.03 -20.72 -4.84
CA ALA A 324 -10.98 -19.95 -5.64
C ALA A 324 -10.73 -20.11 -7.13
N LEU A 325 -9.48 -20.38 -7.53
CA LEU A 325 -9.11 -20.46 -8.93
C LEU A 325 -8.99 -21.87 -9.45
N ALA A 326 -9.11 -22.87 -8.58
CA ALA A 326 -8.96 -24.25 -8.96
C ALA A 326 -10.03 -24.65 -9.97
MG MG B . -1.65 1.08 2.94
#